data_2LX1
#
_entry.id   2LX1
#
_entity_poly.entity_id   1
_entity_poly.type   'polyribonucleotide'
_entity_poly.pdbx_seq_one_letter_code
;GACGAGUGUCA
;
_entity_poly.pdbx_strand_id   A,B
#